data_3WWF
#
_entry.id   3WWF
#
_cell.length_a   36.912
_cell.length_b   69.701
_cell.length_c   103.007
_cell.angle_alpha   90.00
_cell.angle_beta   90.00
_cell.angle_gamma   90.00
#
_symmetry.space_group_name_H-M   'P 21 21 21'
#
loop_
_entity.id
_entity.type
_entity.pdbx_description
1 polymer 'pizza2sr-pb protein'
2 water water
#
_entity_poly.entity_id   1
_entity_poly.type   'polypeptide(L)'
_entity_poly.pdbx_seq_one_letter_code
;GSHMRSNTQTVLPFTGLNTPSGVAVDSAGTVYVTDRGNNRVVKLAAGSNTQTVLPFTGLNTPSGVAVDSAGTVYVTDRGN
NRVVKLAAGS
;
_entity_poly.pdbx_strand_id   A,B,C
#
# COMPACT_ATOMS: atom_id res chain seq x y z
N ASN A 7 2.88 -23.18 -5.80
CA ASN A 7 4.03 -22.29 -5.62
C ASN A 7 4.54 -21.69 -6.94
N THR A 8 3.65 -21.59 -7.92
CA THR A 8 3.98 -20.91 -9.17
C THR A 8 3.41 -19.50 -9.09
N GLN A 9 4.30 -18.52 -9.18
CA GLN A 9 3.86 -17.14 -9.23
C GLN A 9 3.61 -16.76 -10.68
N THR A 10 2.76 -15.76 -10.88
CA THR A 10 2.43 -15.32 -12.24
C THR A 10 2.86 -13.89 -12.44
N VAL A 11 3.62 -13.64 -13.48
CA VAL A 11 3.96 -12.26 -13.86
C VAL A 11 2.83 -11.63 -14.67
N LEU A 12 2.23 -10.58 -14.13
CA LEU A 12 1.10 -9.94 -14.79
C LEU A 12 1.56 -9.20 -16.05
N PRO A 13 0.66 -9.07 -17.03
CA PRO A 13 1.01 -8.46 -18.32
C PRO A 13 1.03 -6.92 -18.31
N PHE A 14 1.51 -6.32 -17.23
CA PHE A 14 1.82 -4.89 -17.27
C PHE A 14 3.00 -4.72 -18.20
N THR A 15 3.12 -3.54 -18.82
CA THR A 15 4.26 -3.26 -19.68
C THR A 15 4.84 -1.88 -19.38
N GLY A 16 6.14 -1.74 -19.57
CA GLY A 16 6.79 -0.43 -19.51
C GLY A 16 6.91 0.16 -18.11
N LEU A 17 6.83 -0.69 -17.09
CA LEU A 17 6.96 -0.21 -15.72
C LEU A 17 8.40 0.18 -15.42
N ASN A 18 8.56 1.12 -14.50
CA ASN A 18 9.86 1.61 -14.07
C ASN A 18 9.80 1.82 -12.58
N THR A 19 10.47 0.93 -11.85
CA THR A 19 10.49 0.91 -10.39
C THR A 19 9.10 1.08 -9.74
N PRO A 20 8.18 0.16 -10.02
CA PRO A 20 6.83 0.23 -9.44
C PRO A 20 6.89 0.21 -7.92
N SER A 21 6.09 1.09 -7.32
CA SER A 21 6.22 1.43 -5.92
C SER A 21 5.09 0.94 -5.04
N GLY A 22 3.96 0.57 -5.62
CA GLY A 22 2.81 0.19 -4.82
C GLY A 22 1.71 -0.43 -5.64
N VAL A 23 0.79 -1.13 -4.95
CA VAL A 23 -0.27 -1.85 -5.65
C VAL A 23 -1.52 -1.91 -4.77
N ALA A 24 -2.68 -1.90 -5.40
CA ALA A 24 -3.93 -2.12 -4.72
C ALA A 24 -4.80 -2.99 -5.62
N VAL A 25 -5.70 -3.74 -4.99
CA VAL A 25 -6.68 -4.50 -5.75
C VAL A 25 -8.03 -4.30 -5.08
N ASP A 26 -9.05 -4.11 -5.89
CA ASP A 26 -10.40 -3.89 -5.35
C ASP A 26 -11.24 -5.16 -5.33
N SER A 27 -12.48 -5.01 -4.88
CA SER A 27 -13.42 -6.14 -4.78
C SER A 27 -13.67 -6.82 -6.13
N ALA A 28 -13.48 -6.08 -7.22
CA ALA A 28 -13.70 -6.64 -8.55
C ALA A 28 -12.44 -7.28 -9.16
N GLY A 29 -11.33 -7.25 -8.42
CA GLY A 29 -10.11 -7.88 -8.87
C GLY A 29 -9.29 -7.04 -9.84
N THR A 30 -9.61 -5.75 -9.95
CA THR A 30 -8.82 -4.85 -10.78
C THR A 30 -7.53 -4.49 -10.06
N VAL A 31 -6.41 -4.49 -10.78
CA VAL A 31 -5.11 -4.28 -10.14
C VAL A 31 -4.54 -2.93 -10.55
N TYR A 32 -4.24 -2.11 -9.55
CA TYR A 32 -3.74 -0.75 -9.74
C TYR A 32 -2.29 -0.66 -9.27
N VAL A 33 -1.45 0.00 -10.05
CA VAL A 33 -0.01 0.08 -9.74
C VAL A 33 0.52 1.50 -9.89
N THR A 34 1.22 1.99 -8.87
CA THR A 34 1.95 3.24 -9.03
C THR A 34 3.28 2.98 -9.73
N ASP A 35 3.38 3.47 -10.96
CA ASP A 35 4.56 3.31 -11.77
C ASP A 35 5.49 4.49 -11.50
N ARG A 36 6.21 4.39 -10.39
CA ARG A 36 6.97 5.49 -9.81
C ARG A 36 7.87 6.23 -10.79
N GLY A 37 8.66 5.47 -11.53
CA GLY A 37 9.65 6.04 -12.43
C GLY A 37 9.07 6.66 -13.68
N ASN A 38 7.79 6.44 -13.92
CA ASN A 38 7.13 7.03 -15.07
C ASN A 38 6.05 8.03 -14.68
N ASN A 39 6.04 8.41 -13.40
CA ASN A 39 5.13 9.43 -12.89
C ASN A 39 3.70 9.18 -13.25
N ARG A 40 3.26 7.92 -13.14
CA ARG A 40 1.91 7.57 -13.57
C ARG A 40 1.35 6.43 -12.76
N VAL A 41 0.04 6.24 -12.87
CA VAL A 41 -0.65 5.10 -12.28
C VAL A 41 -1.32 4.29 -13.40
N VAL A 42 -1.13 2.98 -13.34
CA VAL A 42 -1.70 2.09 -14.37
C VAL A 42 -2.62 1.07 -13.74
N LYS A 43 -3.53 0.53 -14.53
CA LYS A 43 -4.41 -0.51 -14.01
C LYS A 43 -4.65 -1.61 -15.03
N LEU A 44 -5.10 -2.75 -14.50
CA LEU A 44 -5.34 -3.96 -15.29
C LEU A 44 -6.55 -4.63 -14.66
N ALA A 45 -7.65 -4.69 -15.40
CA ALA A 45 -8.86 -5.35 -14.88
C ALA A 45 -8.66 -6.86 -14.83
N ALA A 46 -9.47 -7.55 -14.04
CA ALA A 46 -9.37 -9.01 -13.96
C ALA A 46 -9.86 -9.60 -15.27
N GLY A 47 -9.11 -10.55 -15.81
CA GLY A 47 -9.44 -11.12 -17.10
C GLY A 47 -8.93 -10.27 -18.25
N SER A 48 -8.33 -9.12 -17.92
CA SER A 48 -7.74 -8.25 -18.92
C SER A 48 -6.25 -8.50 -19.13
N ASN A 49 -5.78 -8.16 -20.32
CA ASN A 49 -4.40 -8.34 -20.70
C ASN A 49 -3.75 -7.00 -20.94
N THR A 50 -4.59 -5.97 -21.01
CA THR A 50 -4.18 -4.65 -21.45
C THR A 50 -4.34 -3.55 -20.40
N GLN A 51 -3.19 -3.04 -20.04
CA GLN A 51 -2.97 -1.82 -19.31
C GLN A 51 -3.79 -0.62 -19.75
N THR A 52 -4.36 0.11 -18.79
CA THR A 52 -4.80 1.48 -19.05
C THR A 52 -4.11 2.42 -18.07
N VAL A 53 -3.71 3.60 -18.56
CA VAL A 53 -3.13 4.64 -17.70
C VAL A 53 -4.23 5.54 -17.15
N LEU A 54 -4.28 5.66 -15.83
CA LEU A 54 -5.28 6.49 -15.19
C LEU A 54 -5.00 7.96 -15.48
N PRO A 55 -6.07 8.72 -15.72
CA PRO A 55 -5.89 10.12 -16.11
C PRO A 55 -5.55 11.06 -14.95
N PHE A 56 -4.63 10.67 -14.08
CA PHE A 56 -4.02 11.64 -13.19
C PHE A 56 -3.17 12.60 -14.02
N THR A 57 -2.82 13.75 -13.45
CA THR A 57 -1.87 14.63 -14.10
C THR A 57 -0.91 15.26 -13.09
N GLY A 58 0.29 15.58 -13.57
CA GLY A 58 1.30 16.24 -12.78
C GLY A 58 1.82 15.47 -11.58
N LEU A 59 1.82 14.15 -11.67
CA LEU A 59 2.38 13.33 -10.59
C LEU A 59 3.89 13.36 -10.66
N ASN A 60 4.51 13.15 -9.51
CA ASN A 60 5.96 13.05 -9.42
C ASN A 60 6.31 11.91 -8.48
N THR A 61 6.92 10.85 -9.03
CA THR A 61 7.32 9.65 -8.29
C THR A 61 6.29 9.16 -7.26
N PRO A 62 5.06 8.87 -7.73
CA PRO A 62 3.99 8.41 -6.83
C PRO A 62 4.41 7.13 -6.11
N SER A 63 3.99 7.02 -4.85
CA SER A 63 4.53 6.02 -3.94
C SER A 63 3.55 4.93 -3.54
N GLY A 64 2.26 5.22 -3.64
CA GLY A 64 1.27 4.29 -3.13
C GLY A 64 -0.11 4.57 -3.69
N VAL A 65 -0.99 3.59 -3.59
CA VAL A 65 -2.32 3.69 -4.20
C VAL A 65 -3.34 2.91 -3.36
N ALA A 66 -4.55 3.43 -3.26
CA ALA A 66 -5.65 2.79 -2.54
C ALA A 66 -6.93 2.98 -3.34
N VAL A 67 -7.92 2.11 -3.13
CA VAL A 67 -9.21 2.23 -3.80
C VAL A 67 -10.34 1.95 -2.80
N ASP A 68 -11.39 2.76 -2.84
CA ASP A 68 -12.55 2.53 -1.97
C ASP A 68 -13.62 1.69 -2.66
N SER A 69 -14.69 1.39 -1.93
CA SER A 69 -15.77 0.55 -2.44
C SER A 69 -16.48 1.16 -3.65
N ALA A 70 -16.35 2.47 -3.80
CA ALA A 70 -16.96 3.17 -4.93
C ALA A 70 -16.04 3.24 -6.16
N GLY A 71 -14.81 2.74 -6.02
CA GLY A 71 -13.92 2.69 -7.16
C GLY A 71 -13.06 3.94 -7.30
N THR A 72 -13.14 4.82 -6.31
CA THR A 72 -12.33 6.02 -6.28
C THR A 72 -10.87 5.64 -6.00
N VAL A 73 -9.96 6.17 -6.81
CA VAL A 73 -8.54 5.83 -6.70
C VAL A 73 -7.80 6.97 -5.99
N TYR A 74 -7.02 6.63 -4.98
CA TYR A 74 -6.26 7.62 -4.20
C TYR A 74 -4.79 7.32 -4.40
N VAL A 75 -3.98 8.36 -4.59
CA VAL A 75 -2.55 8.19 -4.80
C VAL A 75 -1.73 9.15 -3.95
N THR A 76 -0.69 8.64 -3.30
CA THR A 76 0.28 9.51 -2.63
C THR A 76 1.28 9.98 -3.68
N ASP A 77 1.19 11.27 -3.99
CA ASP A 77 2.04 11.89 -4.98
C ASP A 77 3.28 12.39 -4.26
N ARG A 78 4.17 11.46 -3.99
CA ARG A 78 5.31 11.64 -3.09
C ARG A 78 6.13 12.89 -3.37
N GLY A 79 6.51 13.05 -4.64
CA GLY A 79 7.40 14.14 -5.03
C GLY A 79 6.77 15.52 -4.93
N ASN A 80 5.44 15.56 -4.80
CA ASN A 80 4.72 16.83 -4.71
C ASN A 80 4.06 17.01 -3.34
N ASN A 81 4.41 16.14 -2.39
CA ASN A 81 3.90 16.24 -1.03
C ASN A 81 2.39 16.41 -0.94
N ARG A 82 1.66 15.61 -1.71
CA ARG A 82 0.21 15.74 -1.74
C ARG A 82 -0.43 14.38 -2.01
N VAL A 83 -1.73 14.31 -1.78
CA VAL A 83 -2.54 13.13 -2.04
C VAL A 83 -3.65 13.53 -2.99
N VAL A 84 -3.81 12.77 -4.06
CA VAL A 84 -4.75 13.10 -5.13
C VAL A 84 -5.72 11.94 -5.31
N LYS A 85 -6.96 12.25 -5.67
CA LYS A 85 -7.93 11.20 -5.95
C LYS A 85 -8.68 11.43 -7.27
N LEU A 86 -9.17 10.32 -7.80
CA LEU A 86 -9.84 10.29 -9.09
C LEU A 86 -11.07 9.42 -8.93
N ALA A 87 -12.24 9.96 -9.28
CA ALA A 87 -13.48 9.20 -9.26
C ALA A 87 -13.46 8.12 -10.35
N ALA A 88 -14.24 7.07 -10.14
CA ALA A 88 -14.42 6.05 -11.17
C ALA A 88 -15.37 6.54 -12.25
N ASN B 7 -12.10 13.36 -16.06
CA ASN B 7 -11.14 14.41 -16.35
C ASN B 7 -10.95 15.37 -15.18
N THR B 8 -11.38 14.95 -13.98
CA THR B 8 -11.15 15.74 -12.76
C THR B 8 -10.39 14.95 -11.72
N GLN B 9 -9.28 15.51 -11.23
CA GLN B 9 -8.60 14.95 -10.07
C GLN B 9 -8.69 15.95 -8.92
N THR B 10 -8.72 15.44 -7.69
CA THR B 10 -8.91 16.30 -6.52
C THR B 10 -7.73 16.16 -5.58
N VAL B 11 -7.16 17.29 -5.16
CA VAL B 11 -6.14 17.28 -4.12
C VAL B 11 -6.81 17.30 -2.76
N LEU B 12 -6.51 16.31 -1.94
CA LEU B 12 -7.09 16.24 -0.61
C LEU B 12 -6.43 17.25 0.32
N PRO B 13 -7.21 17.84 1.23
CA PRO B 13 -6.68 18.89 2.11
C PRO B 13 -5.89 18.35 3.31
N PHE B 14 -4.89 17.52 3.05
CA PHE B 14 -3.92 17.18 4.08
C PHE B 14 -3.03 18.39 4.31
N THR B 15 -2.27 18.42 5.40
CA THR B 15 -1.41 19.56 5.68
C THR B 15 0.00 19.13 6.02
N GLY B 16 0.98 19.81 5.44
CA GLY B 16 2.36 19.67 5.83
C GLY B 16 2.98 18.32 5.59
N LEU B 17 2.60 17.66 4.50
CA LEU B 17 3.18 16.37 4.19
C LEU B 17 4.60 16.51 3.68
N ASN B 18 5.40 15.49 3.95
CA ASN B 18 6.77 15.42 3.46
C ASN B 18 7.02 14.01 2.93
N THR B 19 7.11 13.92 1.61
CA THR B 19 7.28 12.66 0.88
C THR B 19 6.40 11.51 1.38
N PRO B 20 5.07 11.71 1.30
CA PRO B 20 4.13 10.67 1.75
C PRO B 20 4.37 9.36 0.99
N SER B 21 4.36 8.24 1.72
CA SER B 21 4.84 6.97 1.19
C SER B 21 3.75 5.95 0.86
N GLY B 22 2.55 6.15 1.41
CA GLY B 22 1.49 5.18 1.23
C GLY B 22 0.14 5.69 1.69
N VAL B 23 -0.92 5.03 1.22
CA VAL B 23 -2.28 5.47 1.52
C VAL B 23 -3.23 4.27 1.65
N ALA B 24 -4.22 4.42 2.52
CA ALA B 24 -5.29 3.45 2.69
C ALA B 24 -6.58 4.20 2.95
N VAL B 25 -7.71 3.55 2.69
CA VAL B 25 -9.01 4.16 2.89
C VAL B 25 -9.97 3.12 3.47
N ASP B 26 -10.70 3.49 4.53
CA ASP B 26 -11.61 2.55 5.18
C ASP B 26 -13.01 2.64 4.62
N SER B 27 -13.90 1.77 5.09
CA SER B 27 -15.25 1.68 4.54
C SER B 27 -16.08 2.95 4.79
N ALA B 28 -15.63 3.79 5.71
CA ALA B 28 -16.29 5.06 5.98
C ALA B 28 -15.74 6.17 5.08
N GLY B 29 -14.68 5.86 4.34
CA GLY B 29 -14.09 6.82 3.42
C GLY B 29 -13.00 7.65 4.06
N THR B 30 -12.62 7.31 5.29
CA THR B 30 -11.50 7.99 5.93
C THR B 30 -10.21 7.58 5.24
N VAL B 31 -9.39 8.57 4.90
CA VAL B 31 -8.15 8.33 4.16
C VAL B 31 -6.96 8.42 5.12
N TYR B 32 -6.12 7.39 5.10
CA TYR B 32 -4.95 7.30 5.98
C TYR B 32 -3.68 7.39 5.14
N VAL B 33 -2.72 8.17 5.62
CA VAL B 33 -1.49 8.41 4.88
C VAL B 33 -0.26 8.30 5.76
N THR B 34 0.70 7.49 5.34
CA THR B 34 2.01 7.50 5.98
C THR B 34 2.83 8.70 5.50
N ASP B 35 3.02 9.65 6.40
CA ASP B 35 3.77 10.86 6.10
C ASP B 35 5.22 10.60 6.48
N ARG B 36 5.93 9.96 5.56
CA ARG B 36 7.25 9.39 5.79
C ARG B 36 8.26 10.38 6.35
N GLY B 37 8.38 11.53 5.69
CA GLY B 37 9.39 12.51 6.05
C GLY B 37 9.16 13.17 7.39
N ASN B 38 7.96 13.01 7.93
CA ASN B 38 7.61 13.55 9.25
C ASN B 38 7.36 12.48 10.32
N ASN B 39 7.72 11.24 10.02
CA ASN B 39 7.60 10.14 10.98
C ASN B 39 6.23 10.05 11.65
N ARG B 40 5.17 10.20 10.86
CA ARG B 40 3.82 10.16 11.41
C ARG B 40 2.83 9.59 10.41
N VAL B 41 1.64 9.29 10.91
CA VAL B 41 0.55 8.83 10.09
C VAL B 41 -0.60 9.79 10.33
N VAL B 42 -1.17 10.30 9.26
CA VAL B 42 -2.29 11.22 9.37
C VAL B 42 -3.53 10.63 8.73
N LYS B 43 -4.70 11.13 9.14
CA LYS B 43 -5.93 10.67 8.53
C LYS B 43 -6.90 11.83 8.34
N LEU B 44 -7.80 11.64 7.39
CA LEU B 44 -8.77 12.66 7.02
C LEU B 44 -10.10 11.95 6.77
N ALA B 45 -11.10 12.22 7.61
CA ALA B 45 -12.42 11.61 7.43
C ALA B 45 -13.07 12.17 6.18
N ALA B 46 -13.97 11.39 5.59
CA ALA B 46 -14.65 11.82 4.37
C ALA B 46 -15.45 13.09 4.64
N GLY B 47 -15.18 14.12 3.85
CA GLY B 47 -15.86 15.39 3.99
C GLY B 47 -15.10 16.36 4.88
N SER B 48 -14.22 15.83 5.72
CA SER B 48 -13.47 16.66 6.66
C SER B 48 -12.44 17.54 5.97
N ASN B 49 -12.15 18.68 6.60
CA ASN B 49 -11.20 19.64 6.08
C ASN B 49 -9.94 19.72 6.94
N THR B 50 -9.88 18.90 7.98
CA THR B 50 -8.79 18.97 8.94
C THR B 50 -8.29 17.57 9.28
N GLN B 51 -7.02 17.30 8.99
CA GLN B 51 -6.44 16.00 9.32
C GLN B 51 -6.18 15.89 10.81
N THR B 52 -6.17 14.66 11.29
CA THR B 52 -5.73 14.35 12.65
C THR B 52 -4.50 13.47 12.55
N VAL B 53 -3.65 13.53 13.57
CA VAL B 53 -2.45 12.73 13.61
C VAL B 53 -2.71 11.51 14.48
N LEU B 54 -2.52 10.32 13.91
CA LEU B 54 -2.70 9.09 14.67
C LEU B 54 -1.63 8.97 15.77
N PRO B 55 -2.03 8.50 16.95
CA PRO B 55 -1.16 8.44 18.12
C PRO B 55 -0.18 7.26 18.11
N PHE B 56 0.45 7.00 16.97
CA PHE B 56 1.59 6.10 16.93
C PHE B 56 2.76 6.79 17.64
N THR B 57 3.72 6.02 18.12
CA THR B 57 4.90 6.62 18.73
C THR B 57 6.18 5.97 18.23
N GLY B 58 7.24 6.77 18.14
CA GLY B 58 8.56 6.29 17.78
C GLY B 58 8.69 5.77 16.36
N LEU B 59 7.88 6.28 15.45
CA LEU B 59 7.98 5.87 14.05
C LEU B 59 9.23 6.44 13.42
N ASN B 60 9.78 5.69 12.47
CA ASN B 60 10.94 6.13 11.73
C ASN B 60 10.70 5.83 10.26
N THR B 61 10.49 6.90 9.49
CA THR B 61 10.22 6.82 8.05
C THR B 61 9.23 5.72 7.66
N PRO B 62 8.00 5.79 8.19
CA PRO B 62 6.98 4.78 7.89
C PRO B 62 6.73 4.72 6.39
N SER B 63 6.61 3.50 5.86
CA SER B 63 6.67 3.27 4.40
C SER B 63 5.32 2.87 3.81
N GLY B 64 4.37 2.49 4.64
CA GLY B 64 3.11 1.99 4.13
C GLY B 64 2.06 1.75 5.18
N VAL B 65 0.82 1.61 4.73
CA VAL B 65 -0.31 1.54 5.64
C VAL B 65 -1.45 0.71 5.06
N ALA B 66 -2.18 0.03 5.95
CA ALA B 66 -3.36 -0.72 5.56
C ALA B 66 -4.38 -0.52 6.67
N VAL B 67 -5.65 -0.68 6.32
CA VAL B 67 -6.74 -0.55 7.30
C VAL B 67 -7.71 -1.70 7.04
N ASP B 68 -8.13 -2.39 8.10
CA ASP B 68 -9.06 -3.51 7.93
C ASP B 68 -10.51 -3.11 8.17
N SER B 69 -11.40 -4.08 8.03
CA SER B 69 -12.84 -3.82 8.13
C SER B 69 -13.26 -3.29 9.51
N ALA B 70 -12.44 -3.53 10.53
CA ALA B 70 -12.71 -3.03 11.88
C ALA B 70 -12.07 -1.67 12.15
N GLY B 71 -11.42 -1.11 11.14
CA GLY B 71 -10.80 0.20 11.29
C GLY B 71 -9.45 0.13 11.99
N THR B 72 -8.90 -1.07 12.13
CA THR B 72 -7.57 -1.20 12.67
C THR B 72 -6.55 -0.76 11.61
N VAL B 73 -5.60 0.08 12.02
CA VAL B 73 -4.61 0.64 11.12
C VAL B 73 -3.26 -0.05 11.33
N TYR B 74 -2.69 -0.57 10.24
CA TYR B 74 -1.42 -1.29 10.27
C TYR B 74 -0.39 -0.46 9.51
N VAL B 75 0.80 -0.31 10.07
CA VAL B 75 1.83 0.53 9.47
C VAL B 75 3.19 -0.18 9.45
N THR B 76 3.83 -0.20 8.28
CA THR B 76 5.21 -0.64 8.20
C THR B 76 6.14 0.48 8.66
N ASP B 77 6.75 0.28 9.83
CA ASP B 77 7.67 1.26 10.41
C ASP B 77 9.06 0.95 9.90
N ARG B 78 9.32 1.38 8.67
CA ARG B 78 10.49 0.96 7.91
C ARG B 78 11.82 1.09 8.65
N GLY B 79 12.06 2.26 9.22
CA GLY B 79 13.34 2.54 9.86
C GLY B 79 13.55 1.81 11.17
N ASN B 80 12.50 1.17 11.67
CA ASN B 80 12.60 0.38 12.89
C ASN B 80 12.39 -1.10 12.66
N ASN B 81 12.36 -1.51 11.39
CA ASN B 81 12.26 -2.92 11.03
C ASN B 81 11.10 -3.63 11.74
N ARG B 82 9.94 -3.00 11.77
CA ARG B 82 8.80 -3.56 12.48
C ARG B 82 7.49 -3.13 11.86
N VAL B 83 6.42 -3.78 12.29
CA VAL B 83 5.06 -3.44 11.87
C VAL B 83 4.24 -3.18 13.12
N VAL B 84 3.57 -2.03 13.14
CA VAL B 84 2.77 -1.64 14.30
C VAL B 84 1.32 -1.53 13.91
N LYS B 85 0.43 -1.71 14.87
CA LYS B 85 -0.98 -1.46 14.60
C LYS B 85 -1.65 -0.69 15.73
N LEU B 86 -2.78 -0.09 15.39
CA LEU B 86 -3.52 0.74 16.31
C LEU B 86 -4.99 0.47 16.04
N ALA B 87 -5.72 0.07 17.08
CA ALA B 87 -7.16 -0.13 16.95
C ALA B 87 -7.87 1.22 16.80
N ALA B 88 -9.04 1.20 16.16
CA ALA B 88 -9.87 2.38 16.02
C ALA B 88 -10.41 2.80 17.37
N ASN C 7 -4.48 5.41 23.85
CA ASN C 7 -4.44 5.10 22.43
C ASN C 7 -3.09 4.48 22.12
N THR C 8 -2.93 3.19 22.39
CA THR C 8 -1.59 2.60 22.38
C THR C 8 -1.38 1.55 21.28
N GLN C 9 -0.30 1.73 20.53
CA GLN C 9 0.03 0.82 19.42
C GLN C 9 0.48 -0.53 19.93
N THR C 10 0.33 -1.54 19.08
CA THR C 10 0.88 -2.86 19.36
C THR C 10 1.91 -3.12 18.28
N VAL C 11 3.01 -3.77 18.65
CA VAL C 11 4.01 -4.21 17.68
C VAL C 11 3.71 -5.66 17.29
N LEU C 12 3.54 -5.90 15.99
CA LEU C 12 3.13 -7.22 15.54
C LEU C 12 4.31 -8.18 15.64
N PRO C 13 4.03 -9.46 15.95
CA PRO C 13 5.13 -10.41 16.20
C PRO C 13 5.76 -10.98 14.93
N PHE C 14 6.14 -10.11 14.00
CA PHE C 14 7.01 -10.53 12.91
C PHE C 14 8.42 -10.71 13.44
N THR C 15 9.23 -11.46 12.71
CA THR C 15 10.63 -11.62 13.08
C THR C 15 11.56 -11.34 11.90
N GLY C 16 12.71 -10.74 12.20
CA GLY C 16 13.78 -10.62 11.22
C GLY C 16 13.54 -9.72 10.02
N LEU C 17 12.62 -8.76 10.15
CA LEU C 17 12.36 -7.85 9.06
C LEU C 17 13.52 -6.90 8.83
N ASN C 18 13.65 -6.43 7.58
CA ASN C 18 14.66 -5.45 7.19
C ASN C 18 13.98 -4.44 6.29
N THR C 19 13.84 -3.21 6.81
CA THR C 19 13.23 -2.10 6.07
C THR C 19 11.95 -2.45 5.32
N PRO C 20 10.93 -2.95 6.04
CA PRO C 20 9.68 -3.35 5.37
C PRO C 20 9.04 -2.19 4.63
N SER C 21 8.47 -2.48 3.47
CA SER C 21 8.06 -1.45 2.51
C SER C 21 6.55 -1.30 2.35
N GLY C 22 5.79 -2.31 2.76
CA GLY C 22 4.35 -2.31 2.54
C GLY C 22 3.63 -3.40 3.30
N VAL C 23 2.33 -3.21 3.48
CA VAL C 23 1.51 -4.09 4.30
C VAL C 23 0.10 -4.22 3.70
N ALA C 24 -0.48 -5.40 3.82
CA ALA C 24 -1.85 -5.63 3.39
C ALA C 24 -2.49 -6.55 4.41
N VAL C 25 -3.82 -6.49 4.53
CA VAL C 25 -4.57 -7.32 5.46
C VAL C 25 -5.78 -7.89 4.76
N ASP C 26 -5.99 -9.20 4.89
CA ASP C 26 -7.13 -9.85 4.23
C ASP C 26 -8.37 -9.87 5.13
N SER C 27 -9.46 -10.45 4.63
CA SER C 27 -10.73 -10.44 5.34
C SER C 27 -10.68 -11.27 6.63
N ALA C 28 -9.69 -12.14 6.73
CA ALA C 28 -9.51 -13.00 7.90
C ALA C 28 -8.60 -12.36 8.94
N GLY C 29 -7.97 -11.25 8.58
CA GLY C 29 -7.08 -10.56 9.49
C GLY C 29 -5.65 -11.03 9.37
N THR C 30 -5.37 -11.84 8.35
CA THR C 30 -4.00 -12.23 8.03
C THR C 30 -3.25 -11.01 7.50
N VAL C 31 -2.05 -10.78 8.02
CA VAL C 31 -1.27 -9.60 7.66
C VAL C 31 -0.11 -10.01 6.73
N TYR C 32 0.05 -9.29 5.62
CA TYR C 32 1.09 -9.59 4.63
C TYR C 32 2.04 -8.42 4.55
N VAL C 33 3.34 -8.69 4.53
CA VAL C 33 4.34 -7.61 4.54
C VAL C 33 5.43 -7.86 3.53
N THR C 34 5.73 -6.85 2.71
CA THR C 34 6.89 -6.93 1.85
C THR C 34 8.12 -6.58 2.67
N ASP C 35 8.92 -7.60 2.95
CA ASP C 35 10.12 -7.45 3.76
C ASP C 35 11.23 -7.09 2.78
N ARG C 36 11.26 -5.81 2.40
CA ARG C 36 12.05 -5.30 1.28
C ARG C 36 13.52 -5.67 1.34
N GLY C 37 14.14 -5.48 2.50
CA GLY C 37 15.56 -5.73 2.64
C GLY C 37 15.95 -7.20 2.57
N ASN C 38 14.96 -8.09 2.72
CA ASN C 38 15.20 -9.53 2.61
C ASN C 38 14.64 -10.11 1.31
N ASN C 39 14.14 -9.25 0.43
CA ASN C 39 13.60 -9.69 -0.84
C ASN C 39 12.61 -10.85 -0.69
N ARG C 40 11.72 -10.71 0.27
CA ARG C 40 10.72 -11.73 0.52
C ARG C 40 9.43 -11.09 1.00
N VAL C 41 8.37 -11.88 0.99
CA VAL C 41 7.08 -11.48 1.50
C VAL C 41 6.70 -12.44 2.62
N VAL C 42 6.33 -11.89 3.77
CA VAL C 42 5.99 -12.70 4.94
C VAL C 42 4.51 -12.52 5.28
N LYS C 43 3.92 -13.54 5.89
CA LYS C 43 2.54 -13.39 6.35
C LYS C 43 2.35 -13.96 7.74
N LEU C 44 1.48 -13.30 8.48
CA LEU C 44 1.19 -13.67 9.84
C LEU C 44 -0.29 -13.92 9.93
N ALA C 45 -0.67 -15.17 10.18
CA ALA C 45 -2.07 -15.53 10.37
C ALA C 45 -2.66 -14.81 11.58
N ALA C 46 -3.95 -14.54 11.55
CA ALA C 46 -4.62 -13.85 12.66
C ALA C 46 -4.38 -14.60 13.97
N GLY C 47 -3.94 -13.89 15.00
CA GLY C 47 -3.73 -14.51 16.30
C GLY C 47 -2.47 -15.35 16.39
N SER C 48 -1.66 -15.35 15.34
CA SER C 48 -0.43 -16.12 15.35
C SER C 48 0.76 -15.26 15.76
N ASN C 49 1.78 -15.88 16.35
CA ASN C 49 3.05 -15.21 16.60
C ASN C 49 4.18 -15.80 15.76
N THR C 50 3.83 -16.56 14.72
CA THR C 50 4.82 -17.20 13.89
C THR C 50 4.51 -17.01 12.41
N GLN C 51 5.34 -16.23 11.75
CA GLN C 51 5.11 -15.92 10.34
C GLN C 51 5.52 -17.06 9.41
N THR C 52 4.98 -17.03 8.20
CA THR C 52 5.49 -17.87 7.13
C THR C 52 6.00 -16.98 6.00
N VAL C 53 6.81 -17.56 5.13
CA VAL C 53 7.33 -16.86 3.97
C VAL C 53 6.62 -17.36 2.72
N LEU C 54 6.05 -16.44 1.95
CA LEU C 54 5.33 -16.83 0.76
C LEU C 54 6.32 -17.23 -0.32
N PRO C 55 5.98 -18.25 -1.12
CA PRO C 55 6.92 -18.80 -2.10
C PRO C 55 6.95 -18.04 -3.42
N PHE C 56 7.18 -16.72 -3.33
CA PHE C 56 7.53 -15.92 -4.50
C PHE C 56 8.94 -16.28 -4.93
N THR C 57 9.30 -15.93 -6.16
CA THR C 57 10.60 -16.26 -6.70
C THR C 57 11.31 -15.03 -7.27
N GLY C 58 12.59 -14.88 -6.93
CA GLY C 58 13.43 -13.88 -7.57
C GLY C 58 13.06 -12.42 -7.35
N LEU C 59 12.44 -12.12 -6.23
CA LEU C 59 12.11 -10.72 -5.94
C LEU C 59 13.36 -9.87 -5.76
N ASN C 60 13.25 -8.61 -6.14
CA ASN C 60 14.32 -7.64 -5.92
C ASN C 60 13.69 -6.36 -5.43
N THR C 61 13.86 -6.08 -4.13
CA THR C 61 13.34 -4.85 -3.54
C THR C 61 11.81 -4.75 -3.67
N PRO C 62 11.07 -5.76 -3.17
CA PRO C 62 9.61 -5.67 -3.29
C PRO C 62 9.09 -4.46 -2.51
N SER C 63 8.23 -3.69 -3.16
CA SER C 63 7.85 -2.36 -2.69
C SER C 63 6.45 -2.24 -2.11
N GLY C 64 5.58 -3.20 -2.42
CA GLY C 64 4.21 -3.12 -1.97
C GLY C 64 3.46 -4.43 -2.19
N VAL C 65 2.36 -4.58 -1.47
CA VAL C 65 1.58 -5.81 -1.49
C VAL C 65 0.10 -5.49 -1.35
N ALA C 66 -0.74 -6.24 -2.06
CA ALA C 66 -2.19 -6.18 -1.91
C ALA C 66 -2.72 -7.61 -1.89
N VAL C 67 -3.90 -7.80 -1.28
CA VAL C 67 -4.53 -9.12 -1.24
C VAL C 67 -6.00 -8.96 -1.57
N ASP C 68 -6.51 -9.79 -2.48
CA ASP C 68 -7.91 -9.68 -2.89
C ASP C 68 -8.83 -10.58 -2.07
N SER C 69 -10.12 -10.56 -2.41
CA SER C 69 -11.12 -11.29 -1.62
C SER C 69 -10.92 -12.80 -1.68
N ALA C 70 -10.21 -13.27 -2.72
CA ALA C 70 -9.93 -14.69 -2.90
C ALA C 70 -8.62 -15.11 -2.24
N GLY C 71 -7.92 -14.15 -1.64
CA GLY C 71 -6.66 -14.45 -0.97
C GLY C 71 -5.46 -14.44 -1.89
N THR C 72 -5.66 -14.07 -3.16
CA THR C 72 -4.53 -13.91 -4.07
C THR C 72 -3.69 -12.71 -3.62
N VAL C 73 -2.37 -12.90 -3.60
CA VAL C 73 -1.44 -11.89 -3.12
C VAL C 73 -0.67 -11.29 -4.29
N TYR C 74 -0.67 -9.97 -4.39
CA TYR C 74 -0.04 -9.23 -5.49
C TYR C 74 1.11 -8.41 -4.95
N VAL C 75 2.24 -8.44 -5.64
CA VAL C 75 3.43 -7.76 -5.16
C VAL C 75 4.09 -6.96 -6.26
N THR C 76 4.40 -5.68 -5.98
CA THR C 76 5.22 -4.89 -6.88
C THR C 76 6.69 -5.22 -6.62
N ASP C 77 7.32 -5.77 -7.64
CA ASP C 77 8.71 -6.20 -7.55
C ASP C 77 9.54 -5.10 -8.19
N ARG C 78 9.83 -4.09 -7.37
CA ARG C 78 10.39 -2.82 -7.82
C ARG C 78 11.64 -2.97 -8.69
N GLY C 79 12.58 -3.80 -8.23
CA GLY C 79 13.86 -3.97 -8.88
C GLY C 79 13.81 -4.74 -10.18
N ASN C 80 12.67 -5.38 -10.44
CA ASN C 80 12.49 -6.15 -11.67
C ASN C 80 11.42 -5.56 -12.57
N ASN C 81 10.91 -4.37 -12.22
CA ASN C 81 9.93 -3.69 -13.07
C ASN C 81 8.75 -4.59 -13.45
N ARG C 82 8.23 -5.31 -12.46
CA ARG C 82 7.12 -6.23 -12.72
C ARG C 82 6.24 -6.36 -11.50
N VAL C 83 5.04 -6.90 -11.73
CA VAL C 83 4.10 -7.23 -10.69
C VAL C 83 3.85 -8.72 -10.74
N VAL C 84 3.98 -9.38 -9.59
CA VAL C 84 3.75 -10.82 -9.53
C VAL C 84 2.61 -11.16 -8.57
N LYS C 85 1.97 -12.30 -8.79
CA LYS C 85 0.90 -12.71 -7.90
C LYS C 85 1.00 -14.20 -7.58
N LEU C 86 0.49 -14.56 -6.41
CA LEU C 86 0.42 -15.95 -5.96
C LEU C 86 -0.97 -16.23 -5.46
N ALA C 87 -1.55 -17.34 -5.90
CA ALA C 87 -2.83 -17.76 -5.37
C ALA C 87 -2.76 -18.14 -3.90
N ALA C 88 -3.90 -18.10 -3.23
CA ALA C 88 -3.97 -18.44 -1.80
C ALA C 88 -3.51 -19.86 -1.54
#